data_4UCV
#
_entry.id   4UCV
#
_cell.length_a   139.160
_cell.length_b   139.160
_cell.length_c   56.329
_cell.angle_alpha   90.00
_cell.angle_beta   90.00
_cell.angle_gamma   90.00
#
_symmetry.space_group_name_H-M   'P 43 21 2'
#
loop_
_entity.id
_entity.type
_entity.pdbx_description
1 polymer 'DNA LIGASE'
2 non-polymer 1-(2,4-dimethylbenzyl)-6-oxo-1,6-dihydropyridine-3-carboxamide
3 non-polymer 8-methoxy-2,3-dimethylquinoxalin-5-ol
4 water water
#
_entity_poly.entity_id   1
_entity_poly.type   'polypeptide(L)'
_entity_poly.pdbx_seq_one_letter_code
;MTNIQTQLDNLRKTLRQYEYEYHVLDNPSVPDSEYDRLFHQLKALELEHPEFLTSDSPTQRVGAKPLSGFSQIRHEIPML
SLDNAFSDAEFNAFVKRIEDRLILLPKPLTFCCEPKLDGLAVSILYVNGELTQAATRGDGTTGEDITANIRTIRNVPLQL
LTDNPPARLEVRGEVFMPHAGFERLNKYALEHNEKTFANPRNAAAGSLRQLDPNITSKRPLVLNAYGIGIAEGVDLPTTH
YARLQWLKSIGIPVNPEIRLCNGADEVLGFYRDIQNKRSSLGYDIDGTVLKINDIALQNELGFISKAPRWAIAYKFPAQE
ELTL
;
_entity_poly.pdbx_strand_id   A
#
loop_
_chem_comp.id
_chem_comp.type
_chem_comp.name
_chem_comp.formula
I6G non-polymer 8-methoxy-2,3-dimethylquinoxalin-5-ol 'C11 H12 N2 O2'
IWH non-polymer 1-(2,4-dimethylbenzyl)-6-oxo-1,6-dihydropyridine-3-carboxamide 'C15 H16 N2 O2'
#
# COMPACT_ATOMS: atom_id res chain seq x y z
N MET A 1 21.52 21.11 -23.85
CA MET A 1 22.11 20.26 -22.82
C MET A 1 23.17 21.01 -21.99
N THR A 2 23.24 20.72 -20.67
CA THR A 2 24.23 21.28 -19.75
C THR A 2 24.71 20.18 -18.83
N ASN A 3 25.91 20.34 -18.23
CA ASN A 3 26.44 19.33 -17.28
C ASN A 3 25.61 19.24 -16.01
N ILE A 4 25.03 20.36 -15.53
CA ILE A 4 24.27 20.33 -14.30
C ILE A 4 22.89 19.67 -14.51
N GLN A 5 22.19 19.92 -15.63
CA GLN A 5 20.90 19.25 -15.87
C GLN A 5 21.16 17.73 -16.08
N THR A 6 22.36 17.38 -16.59
CA THR A 6 22.76 15.98 -16.75
C THR A 6 23.04 15.38 -15.37
N GLN A 7 23.72 16.13 -14.47
CA GLN A 7 24.02 15.66 -13.10
C GLN A 7 22.76 15.41 -12.30
N LEU A 8 21.82 16.33 -12.35
CA LEU A 8 20.54 16.22 -11.64
C LEU A 8 19.73 15.00 -12.07
N ASP A 9 19.62 14.79 -13.35
CA ASP A 9 18.90 13.63 -13.88
C ASP A 9 19.57 12.33 -13.43
N ASN A 10 20.91 12.29 -13.42
CA ASN A 10 21.67 11.09 -13.05
C ASN A 10 21.48 10.75 -11.60
N LEU A 11 21.53 11.78 -10.74
CA LEU A 11 21.37 11.62 -9.29
C LEU A 11 19.98 11.15 -8.98
N ARG A 12 18.96 11.77 -9.58
CA ARG A 12 17.56 11.37 -9.40
C ARG A 12 17.32 9.90 -9.76
N LYS A 13 17.83 9.47 -10.89
CA LYS A 13 17.67 8.08 -11.37
C LYS A 13 18.32 7.07 -10.42
N THR A 14 19.53 7.39 -9.94
CA THR A 14 20.31 6.57 -9.01
C THR A 14 19.63 6.45 -7.67
N LEU A 15 19.21 7.59 -7.11
CA LEU A 15 18.57 7.66 -5.79
C LEU A 15 17.26 6.93 -5.78
N ARG A 16 16.50 6.97 -6.87
CA ARG A 16 15.26 6.20 -6.98
C ARG A 16 15.62 4.72 -7.03
N GLN A 17 16.66 4.35 -7.79
CA GLN A 17 17.10 2.95 -7.86
C GLN A 17 17.55 2.45 -6.48
N TYR A 18 18.33 3.25 -5.76
CA TYR A 18 18.73 2.88 -4.40
C TYR A 18 17.53 2.73 -3.45
N GLU A 19 16.53 3.61 -3.58
CA GLU A 19 15.29 3.54 -2.78
C GLU A 19 14.47 2.28 -3.11
N TYR A 20 14.41 1.87 -4.37
CA TYR A 20 13.67 0.66 -4.74
C TYR A 20 14.26 -0.57 -4.03
N GLU A 21 15.60 -0.64 -4.06
CA GLU A 21 16.42 -1.71 -3.49
C GLU A 21 16.34 -1.78 -1.98
N TYR A 22 16.40 -0.63 -1.33
CA TYR A 22 16.34 -0.54 0.13
C TYR A 22 14.91 -0.85 0.60
N HIS A 23 13.93 -0.06 0.15
CA HIS A 23 12.53 -0.22 0.58
C HIS A 23 11.78 -1.44 0.00
N VAL A 24 11.72 -1.59 -1.33
CA VAL A 24 10.89 -2.66 -1.96
C VAL A 24 11.59 -4.03 -2.01
N LEU A 25 12.86 -4.05 -2.41
CA LEU A 25 13.59 -5.31 -2.51
C LEU A 25 14.20 -5.77 -1.20
N ASP A 26 14.43 -4.86 -0.23
CA ASP A 26 15.10 -5.19 1.06
C ASP A 26 16.50 -5.73 0.74
N ASN A 27 17.19 -5.09 -0.23
CA ASN A 27 18.47 -5.52 -0.68
C ASN A 27 19.24 -4.35 -1.28
N PRO A 28 19.70 -3.40 -0.45
CA PRO A 28 20.44 -2.24 -0.98
C PRO A 28 21.83 -2.61 -1.52
N SER A 29 22.13 -2.11 -2.72
CA SER A 29 23.40 -2.33 -3.39
C SER A 29 24.52 -1.53 -2.74
N VAL A 30 24.17 -0.43 -2.02
CA VAL A 30 25.15 0.44 -1.40
C VAL A 30 24.84 0.72 0.09
N PRO A 31 25.84 1.21 0.86
CA PRO A 31 25.58 1.62 2.25
C PRO A 31 24.72 2.87 2.31
N ASP A 32 24.06 3.08 3.44
CA ASP A 32 23.19 4.23 3.68
C ASP A 32 23.98 5.55 3.53
N SER A 33 25.28 5.57 3.92
CA SER A 33 26.14 6.75 3.81
C SER A 33 26.33 7.16 2.36
N GLU A 34 26.46 6.18 1.46
CA GLU A 34 26.57 6.46 0.02
C GLU A 34 25.28 7.11 -0.45
N TYR A 35 24.11 6.49 -0.11
CA TYR A 35 22.81 7.01 -0.49
C TYR A 35 22.65 8.44 -0.03
N ASP A 36 23.01 8.71 1.23
CA ASP A 36 22.91 10.05 1.77
C ASP A 36 23.90 11.03 1.14
N ARG A 37 25.13 10.60 0.82
CA ARG A 37 26.11 11.49 0.16
C ARG A 37 25.50 12.15 -1.07
N LEU A 38 24.92 11.32 -1.92
CA LEU A 38 24.29 11.73 -3.16
C LEU A 38 23.01 12.51 -2.93
N PHE A 39 22.28 12.18 -1.83
CA PHE A 39 21.01 12.84 -1.51
C PHE A 39 21.22 14.34 -1.31
N HIS A 40 22.15 14.72 -0.44
CA HIS A 40 22.39 16.13 -0.19
C HIS A 40 23.31 16.78 -1.27
N GLN A 41 23.96 15.97 -2.12
CA GLN A 41 24.72 16.46 -3.28
C GLN A 41 23.70 17.05 -4.28
N LEU A 42 22.60 16.29 -4.53
CA LEU A 42 21.43 16.66 -5.34
C LEU A 42 20.73 17.89 -4.78
N LYS A 43 20.35 17.83 -3.48
CA LYS A 43 19.63 18.87 -2.76
C LYS A 43 20.39 20.20 -2.85
N ALA A 44 21.71 20.19 -2.53
CA ALA A 44 22.57 21.38 -2.61
C ALA A 44 22.56 21.99 -4.00
N LEU A 45 22.72 21.15 -5.02
CA LEU A 45 22.72 21.60 -6.40
C LEU A 45 21.39 22.13 -6.85
N GLU A 46 20.24 21.47 -6.53
CA GLU A 46 18.91 22.01 -6.90
C GLU A 46 18.73 23.41 -6.34
N LEU A 47 19.25 23.65 -5.12
CA LEU A 47 19.18 24.96 -4.47
C LEU A 47 20.18 25.96 -5.06
N GLU A 48 21.34 25.48 -5.56
CA GLU A 48 22.30 26.35 -6.25
C GLU A 48 21.78 26.71 -7.70
N HIS A 49 20.88 25.89 -8.27
CA HIS A 49 20.32 26.07 -9.62
C HIS A 49 18.78 25.80 -9.54
N PRO A 50 18.02 26.70 -8.89
CA PRO A 50 16.56 26.48 -8.72
C PRO A 50 15.74 26.16 -9.97
N GLU A 51 16.10 26.76 -11.12
CA GLU A 51 15.39 26.59 -12.39
C GLU A 51 15.20 25.10 -12.83
N PHE A 52 16.15 24.21 -12.44
CA PHE A 52 16.09 22.78 -12.76
C PHE A 52 15.48 21.88 -11.66
N LEU A 53 14.79 22.46 -10.65
CA LEU A 53 14.15 21.71 -9.58
C LEU A 53 12.77 21.15 -10.03
N THR A 54 12.54 19.83 -9.80
CA THR A 54 11.28 19.15 -10.14
C THR A 54 10.49 18.80 -8.88
N SER A 55 9.16 18.79 -9.03
CA SER A 55 8.23 18.49 -7.93
C SER A 55 8.27 17.04 -7.45
N ASP A 56 8.76 16.11 -8.28
CA ASP A 56 8.84 14.70 -7.94
C ASP A 56 10.27 14.25 -7.64
N SER A 57 11.17 15.21 -7.36
CA SER A 57 12.55 14.86 -7.03
C SER A 57 12.61 14.20 -5.65
N PRO A 58 13.49 13.19 -5.42
CA PRO A 58 13.56 12.57 -4.07
C PRO A 58 13.75 13.55 -2.88
N THR A 59 14.22 14.79 -3.15
CA THR A 59 14.42 15.81 -2.11
C THR A 59 13.17 16.62 -1.81
N GLN A 60 12.10 16.51 -2.63
CA GLN A 60 10.85 17.29 -2.40
C GLN A 60 9.71 16.47 -1.81
N ARG A 61 10.00 15.48 -0.97
CA ARG A 61 8.95 14.69 -0.30
C ARG A 61 8.11 15.52 0.71
N VAL A 62 8.72 16.54 1.38
CA VAL A 62 8.07 17.31 2.44
C VAL A 62 7.70 18.77 2.06
N GLY A 63 6.41 19.11 2.13
CA GLY A 63 5.93 20.46 1.90
C GLY A 63 6.25 21.34 3.10
N ALA A 64 7.00 22.44 2.89
CA ALA A 64 7.44 23.35 3.97
C ALA A 64 6.33 24.11 4.71
N LYS A 65 5.22 24.46 4.01
CA LYS A 65 4.11 25.21 4.61
C LYS A 65 2.99 24.28 5.14
N PRO A 66 2.69 24.29 6.48
CA PRO A 66 1.60 23.44 6.98
C PRO A 66 0.22 23.77 6.40
N LEU A 67 -0.61 22.72 6.20
CA LEU A 67 -1.97 22.85 5.65
C LEU A 67 -2.94 23.48 6.64
N SER A 68 -4.09 23.96 6.11
CA SER A 68 -5.18 24.56 6.89
C SER A 68 -6.49 23.81 6.59
N GLY A 69 -6.56 22.56 7.06
CA GLY A 69 -7.71 21.69 6.90
C GLY A 69 -7.71 20.83 5.65
N PHE A 70 -8.14 19.56 5.78
CA PHE A 70 -8.19 18.61 4.65
C PHE A 70 -9.41 18.87 3.77
N SER A 71 -9.27 18.63 2.45
CA SER A 71 -10.35 18.76 1.47
C SER A 71 -10.94 17.39 1.19
N GLN A 72 -12.26 17.34 0.94
CA GLN A 72 -12.97 16.09 0.65
C GLN A 72 -12.65 15.60 -0.77
N ILE A 73 -12.62 14.27 -0.97
CA ILE A 73 -12.37 13.62 -2.27
C ILE A 73 -13.39 12.51 -2.49
N ARG A 74 -14.22 12.62 -3.53
CA ARG A 74 -15.18 11.58 -3.88
C ARG A 74 -14.43 10.54 -4.71
N HIS A 75 -14.39 9.29 -4.24
CA HIS A 75 -13.67 8.24 -4.93
C HIS A 75 -14.42 7.88 -6.21
N GLU A 76 -13.70 7.74 -7.33
CA GLU A 76 -14.29 7.39 -8.61
C GLU A 76 -14.81 5.95 -8.54
N ILE A 77 -13.89 5.00 -8.27
CA ILE A 77 -14.22 3.60 -8.08
C ILE A 77 -14.39 3.47 -6.57
N PRO A 78 -15.47 2.83 -6.06
CA PRO A 78 -15.63 2.75 -4.59
C PRO A 78 -14.61 1.85 -3.90
N MET A 79 -14.30 2.19 -2.63
CA MET A 79 -13.39 1.42 -1.77
C MET A 79 -14.29 0.58 -0.88
N LEU A 80 -14.31 -0.73 -1.12
CA LEU A 80 -15.17 -1.66 -0.41
C LEU A 80 -14.58 -2.13 0.92
N SER A 81 -15.40 -2.84 1.69
CA SER A 81 -15.04 -3.41 2.99
C SER A 81 -14.65 -4.88 2.75
N LEU A 82 -14.38 -5.63 3.84
CA LEU A 82 -14.01 -7.05 3.78
C LEU A 82 -14.88 -7.86 4.72
N ASP A 83 -15.25 -9.07 4.28
CA ASP A 83 -15.99 -10.03 5.07
C ASP A 83 -14.97 -10.70 5.99
N ASN A 84 -15.44 -11.31 7.11
CA ASN A 84 -14.56 -11.95 8.08
C ASN A 84 -15.03 -13.34 8.56
N ALA A 85 -14.06 -14.24 8.78
CA ALA A 85 -14.25 -15.59 9.31
C ALA A 85 -13.51 -15.69 10.63
N PHE A 86 -14.01 -16.51 11.55
CA PHE A 86 -13.41 -16.67 12.87
C PHE A 86 -13.12 -18.13 13.21
N SER A 87 -13.16 -19.03 12.22
CA SER A 87 -12.84 -20.42 12.50
C SER A 87 -12.59 -21.20 11.22
N ASP A 88 -11.96 -22.40 11.37
CA ASP A 88 -11.70 -23.33 10.30
C ASP A 88 -12.99 -23.79 9.69
N ALA A 89 -13.98 -24.14 10.52
CA ALA A 89 -15.30 -24.58 10.03
C ALA A 89 -16.05 -23.45 9.35
N GLU A 90 -15.91 -22.19 9.85
CA GLU A 90 -16.57 -21.04 9.23
C GLU A 90 -15.97 -20.71 7.85
N PHE A 91 -14.62 -20.82 7.72
CA PHE A 91 -13.92 -20.56 6.46
C PHE A 91 -14.30 -21.58 5.40
N ASN A 92 -14.35 -22.87 5.78
CA ASN A 92 -14.72 -23.95 4.87
C ASN A 92 -16.14 -23.82 4.35
N ALA A 93 -17.07 -23.28 5.16
CA ALA A 93 -18.45 -23.03 4.73
C ALA A 93 -18.51 -21.94 3.66
N PHE A 94 -17.72 -20.86 3.83
CA PHE A 94 -17.61 -19.77 2.84
C PHE A 94 -17.09 -20.31 1.50
N VAL A 95 -16.11 -21.26 1.54
CA VAL A 95 -15.56 -21.90 0.33
C VAL A 95 -16.67 -22.74 -0.33
N LYS A 96 -17.34 -23.62 0.44
CA LYS A 96 -18.43 -24.46 -0.11
C LYS A 96 -19.53 -23.63 -0.77
N ARG A 97 -19.82 -22.44 -0.22
CA ARG A 97 -20.81 -21.52 -0.79
C ARG A 97 -20.34 -21.02 -2.16
N ILE A 98 -19.02 -20.71 -2.30
CA ILE A 98 -18.44 -20.26 -3.58
C ILE A 98 -18.43 -21.46 -4.55
N GLU A 99 -17.98 -22.66 -4.09
CA GLU A 99 -17.96 -23.88 -4.91
C GLU A 99 -19.28 -24.11 -5.65
N ASP A 100 -20.42 -23.91 -4.97
CA ASP A 100 -21.73 -24.08 -5.62
C ASP A 100 -22.11 -22.86 -6.44
N ARG A 101 -21.95 -21.66 -5.88
CA ARG A 101 -22.33 -20.40 -6.56
C ARG A 101 -21.68 -20.22 -7.94
N LEU A 102 -20.48 -20.80 -8.16
CA LEU A 102 -19.80 -20.75 -9.46
C LEU A 102 -20.50 -21.65 -10.49
N ILE A 103 -20.39 -21.28 -11.78
CA ILE A 103 -20.96 -22.03 -12.90
C ILE A 103 -20.10 -23.29 -13.12
N LEU A 104 -18.76 -23.13 -13.08
CA LEU A 104 -17.79 -24.23 -13.22
C LEU A 104 -16.67 -24.07 -12.19
N LEU A 105 -16.46 -25.10 -11.36
CA LEU A 105 -15.43 -25.11 -10.29
C LEU A 105 -14.15 -25.75 -10.81
N PRO A 106 -13.04 -24.99 -11.00
CA PRO A 106 -11.80 -25.62 -11.46
C PRO A 106 -11.24 -26.64 -10.46
N LYS A 107 -10.56 -27.70 -10.95
CA LYS A 107 -9.97 -28.74 -10.09
C LYS A 107 -9.09 -28.10 -9.03
N PRO A 108 -8.01 -27.35 -9.39
CA PRO A 108 -7.30 -26.59 -8.36
C PRO A 108 -7.97 -25.20 -8.22
N LEU A 109 -8.50 -24.87 -7.03
CA LEU A 109 -9.09 -23.55 -6.77
C LEU A 109 -8.02 -22.76 -6.03
N THR A 110 -7.23 -21.97 -6.78
CA THR A 110 -6.12 -21.19 -6.24
C THR A 110 -6.59 -19.89 -5.57
N PHE A 111 -5.98 -19.59 -4.39
CA PHE A 111 -6.22 -18.39 -3.62
C PHE A 111 -4.91 -17.65 -3.38
N CYS A 112 -4.95 -16.30 -3.46
CA CYS A 112 -3.81 -15.42 -3.13
C CYS A 112 -4.03 -15.10 -1.65
N CYS A 113 -3.19 -15.67 -0.79
CA CYS A 113 -3.26 -15.53 0.65
C CYS A 113 -2.20 -14.51 1.12
N GLU A 114 -2.59 -13.56 1.99
CA GLU A 114 -1.71 -12.51 2.53
C GLU A 114 -1.98 -12.20 4.01
N PRO A 115 -1.00 -11.65 4.76
CA PRO A 115 -1.29 -11.22 6.15
C PRO A 115 -2.17 -9.97 6.20
N LYS A 116 -3.06 -9.86 7.21
CA LYS A 116 -3.92 -8.68 7.34
C LYS A 116 -3.22 -7.69 8.23
N LEU A 117 -2.73 -6.59 7.67
CA LEU A 117 -2.07 -5.56 8.47
C LEU A 117 -3.14 -4.79 9.23
N ASP A 118 -2.76 -4.29 10.39
CA ASP A 118 -3.65 -3.48 11.21
C ASP A 118 -3.29 -2.02 10.81
N GLY A 119 -3.75 -1.63 9.62
CA GLY A 119 -3.44 -0.31 9.04
C GLY A 119 -4.60 0.48 8.49
N LEU A 120 -4.28 1.70 8.00
CA LEU A 120 -5.25 2.65 7.44
C LEU A 120 -5.32 2.59 5.91
N ALA A 121 -6.50 2.26 5.38
CA ALA A 121 -6.76 2.13 3.94
C ALA A 121 -6.72 3.46 3.21
N VAL A 122 -5.87 3.53 2.15
CA VAL A 122 -5.67 4.73 1.33
C VAL A 122 -5.75 4.38 -0.17
N SER A 123 -5.88 5.41 -1.01
CA SER A 123 -5.96 5.30 -2.47
C SER A 123 -4.98 6.32 -3.07
N ILE A 124 -3.93 5.87 -3.79
CA ILE A 124 -2.89 6.75 -4.36
C ILE A 124 -2.93 6.77 -5.88
N LEU A 125 -3.17 7.94 -6.49
CA LEU A 125 -3.19 8.10 -7.95
C LEU A 125 -1.81 8.49 -8.53
N TYR A 126 -1.47 7.88 -9.67
CA TYR A 126 -0.23 8.10 -10.40
C TYR A 126 -0.60 8.43 -11.84
N VAL A 127 -0.39 9.69 -12.26
CA VAL A 127 -0.72 10.14 -13.61
C VAL A 127 0.54 10.17 -14.47
N ASN A 128 0.59 9.33 -15.53
CA ASN A 128 1.74 9.21 -16.43
C ASN A 128 3.03 9.02 -15.64
N GLY A 129 2.95 8.16 -14.62
CA GLY A 129 4.05 7.78 -13.74
C GLY A 129 4.22 8.55 -12.44
N GLU A 130 3.91 9.86 -12.40
CA GLU A 130 4.15 10.67 -11.19
C GLU A 130 2.93 10.77 -10.28
N LEU A 131 3.18 10.80 -8.94
CA LEU A 131 2.16 10.86 -7.87
C LEU A 131 1.54 12.26 -7.83
N THR A 132 0.22 12.34 -8.11
CA THR A 132 -0.54 13.60 -8.13
C THR A 132 -1.55 13.73 -7.01
N GLN A 133 -2.16 12.62 -6.56
CA GLN A 133 -3.22 12.67 -5.54
C GLN A 133 -3.22 11.43 -4.64
N ALA A 134 -3.45 11.62 -3.32
CA ALA A 134 -3.60 10.54 -2.32
C ALA A 134 -4.83 10.84 -1.46
N ALA A 135 -5.54 9.80 -1.01
CA ALA A 135 -6.75 9.99 -0.22
C ALA A 135 -7.06 8.83 0.71
N THR A 136 -7.71 9.13 1.86
CA THR A 136 -8.14 8.12 2.83
C THR A 136 -9.36 7.38 2.32
N ARG A 137 -9.68 6.23 2.95
CA ARG A 137 -10.85 5.43 2.57
C ARG A 137 -12.15 6.12 2.97
N GLY A 138 -12.23 6.60 4.21
CA GLY A 138 -13.41 7.25 4.75
C GLY A 138 -14.58 6.27 4.82
N ASP A 139 -15.77 6.72 4.40
CA ASP A 139 -16.96 5.83 4.35
C ASP A 139 -16.90 4.83 3.18
N GLY A 140 -16.01 5.06 2.22
CA GLY A 140 -15.86 4.21 1.03
C GLY A 140 -16.15 5.00 -0.23
N THR A 141 -17.15 5.88 -0.15
CA THR A 141 -17.61 6.77 -1.21
C THR A 141 -16.80 8.06 -1.18
N THR A 142 -16.53 8.61 0.02
CA THR A 142 -15.80 9.87 0.19
C THR A 142 -14.69 9.72 1.24
N GLY A 143 -13.59 10.43 1.03
CA GLY A 143 -12.42 10.44 1.92
C GLY A 143 -11.80 11.81 1.98
N GLU A 144 -10.54 11.89 2.43
CA GLU A 144 -9.84 13.17 2.60
C GLU A 144 -8.46 13.24 1.94
N ASP A 145 -8.08 14.44 1.46
CA ASP A 145 -6.82 14.70 0.77
C ASP A 145 -5.60 14.62 1.68
N ILE A 146 -4.93 13.45 1.71
CA ILE A 146 -3.72 13.22 2.52
C ILE A 146 -2.49 13.09 1.58
N THR A 147 -2.45 13.89 0.52
CA THR A 147 -1.40 13.84 -0.49
C THR A 147 -0.06 14.25 0.08
N ALA A 148 -0.02 15.38 0.80
CA ALA A 148 1.25 15.86 1.34
C ALA A 148 1.77 14.97 2.44
N ASN A 149 0.89 14.19 3.10
CA ASN A 149 1.27 13.24 4.17
C ASN A 149 1.74 11.90 3.57
N ILE A 150 1.16 11.47 2.45
CA ILE A 150 1.56 10.22 1.80
C ILE A 150 2.93 10.40 1.14
N ARG A 151 3.17 11.60 0.59
CA ARG A 151 4.44 12.01 -0.05
C ARG A 151 5.63 11.88 0.86
N THR A 152 5.44 12.00 2.16
CA THR A 152 6.54 11.92 3.13
C THR A 152 6.99 10.49 3.45
N ILE A 153 6.20 9.45 3.07
CA ILE A 153 6.48 8.03 3.38
C ILE A 153 7.65 7.61 2.53
N ARG A 154 8.79 7.27 3.16
CA ARG A 154 10.03 6.97 2.43
C ARG A 154 9.89 5.85 1.40
N ASN A 155 9.06 4.81 1.69
CA ASN A 155 8.87 3.68 0.78
C ASN A 155 7.79 3.89 -0.31
N VAL A 156 7.14 5.07 -0.41
CA VAL A 156 6.14 5.33 -1.46
C VAL A 156 6.85 6.07 -2.58
N PRO A 157 6.91 5.52 -3.82
CA PRO A 157 7.59 6.22 -4.93
C PRO A 157 6.85 7.48 -5.37
N LEU A 158 7.57 8.59 -5.61
CA LEU A 158 6.96 9.83 -6.12
C LEU A 158 6.85 9.74 -7.64
N GLN A 159 7.55 8.77 -8.24
CA GLN A 159 7.59 8.51 -9.67
C GLN A 159 7.67 6.97 -9.88
N LEU A 160 6.75 6.39 -10.68
CA LEU A 160 6.80 4.96 -10.95
C LEU A 160 8.12 4.62 -11.65
N LEU A 161 8.60 3.38 -11.44
CA LEU A 161 9.85 2.87 -11.97
C LEU A 161 9.66 2.15 -13.31
N THR A 162 9.36 2.95 -14.36
CA THR A 162 9.12 2.44 -15.74
C THR A 162 9.18 3.57 -16.78
N ASP A 163 9.64 3.23 -18.00
CA ASP A 163 9.73 4.19 -19.09
C ASP A 163 8.38 4.36 -19.76
N ASN A 164 7.47 3.38 -19.64
CA ASN A 164 6.11 3.45 -20.16
C ASN A 164 5.12 3.14 -19.02
N PRO A 165 4.89 4.13 -18.14
CA PRO A 165 3.90 3.94 -17.06
C PRO A 165 2.48 4.08 -17.62
N PRO A 166 1.41 3.61 -16.94
CA PRO A 166 0.06 3.79 -17.48
C PRO A 166 -0.44 5.23 -17.43
N ALA A 167 -1.58 5.50 -18.08
CA ALA A 167 -2.17 6.85 -18.19
C ALA A 167 -2.57 7.37 -16.82
N ARG A 168 -3.28 6.52 -16.09
CA ARG A 168 -3.73 6.76 -14.71
C ARG A 168 -3.73 5.39 -14.03
N LEU A 169 -3.06 5.27 -12.88
CA LEU A 169 -3.01 4.02 -12.09
C LEU A 169 -3.25 4.38 -10.65
N GLU A 170 -4.30 3.81 -10.03
CA GLU A 170 -4.62 4.03 -8.63
C GLU A 170 -4.12 2.82 -7.85
N VAL A 171 -3.15 3.07 -6.98
CA VAL A 171 -2.60 2.04 -6.10
C VAL A 171 -3.37 2.12 -4.79
N ARG A 172 -3.89 0.98 -4.34
CA ARG A 172 -4.65 0.87 -3.10
C ARG A 172 -3.83 0.07 -2.09
N GLY A 173 -3.67 0.62 -0.89
CA GLY A 173 -2.84 0.03 0.15
C GLY A 173 -3.18 0.45 1.57
N GLU A 174 -2.46 -0.15 2.53
CA GLU A 174 -2.60 0.10 3.98
C GLU A 174 -1.35 0.76 4.55
N VAL A 175 -1.53 1.90 5.21
CA VAL A 175 -0.43 2.59 5.88
C VAL A 175 -0.35 2.01 7.29
N PHE A 176 0.86 1.71 7.76
CA PHE A 176 1.04 1.18 9.10
C PHE A 176 2.38 1.62 9.63
N MET A 177 2.62 1.40 10.94
CA MET A 177 3.88 1.75 11.61
C MET A 177 4.50 0.47 12.17
N PRO A 178 5.72 0.07 11.73
CA PRO A 178 6.35 -1.13 12.33
C PRO A 178 6.73 -0.94 13.80
N HIS A 179 6.97 -2.07 14.48
CA HIS A 179 7.32 -2.14 15.91
C HIS A 179 8.51 -1.27 16.28
N ALA A 180 9.62 -1.38 15.53
CA ALA A 180 10.82 -0.59 15.84
C ALA A 180 10.49 0.91 15.86
N GLY A 181 9.89 1.39 14.77
CA GLY A 181 9.44 2.78 14.64
C GLY A 181 8.51 3.20 15.74
N PHE A 182 7.55 2.31 16.10
CA PHE A 182 6.59 2.52 17.17
C PHE A 182 7.27 2.61 18.54
N GLU A 183 8.23 1.71 18.85
CA GLU A 183 8.98 1.76 20.11
C GLU A 183 9.87 3.01 20.16
N ARG A 184 10.59 3.32 19.06
CA ARG A 184 11.42 4.53 19.00
C ARG A 184 10.61 5.82 19.23
N LEU A 185 9.36 5.86 18.70
CA LEU A 185 8.50 7.05 18.80
C LEU A 185 8.06 7.33 20.21
N ASN A 186 7.58 6.30 20.93
CA ASN A 186 7.13 6.45 22.32
C ASN A 186 8.27 6.81 23.28
N LYS A 187 9.51 6.37 23.01
CA LYS A 187 10.67 6.77 23.83
C LYS A 187 10.88 8.28 23.68
N TYR A 188 10.82 8.79 22.42
CA TYR A 188 10.98 10.23 22.11
C TYR A 188 9.90 11.08 22.79
N ALA A 189 8.62 10.63 22.78
CA ALA A 189 7.51 11.36 23.43
C ALA A 189 7.66 11.36 24.96
N LEU A 190 8.25 10.29 25.51
CA LEU A 190 8.51 10.14 26.94
C LEU A 190 9.70 11.04 27.34
N GLU A 191 10.79 11.00 26.55
CA GLU A 191 11.99 11.83 26.77
C GLU A 191 11.72 13.32 26.54
N HIS A 192 10.69 13.67 25.75
CA HIS A 192 10.28 15.05 25.46
C HIS A 192 8.78 15.20 25.67
N ASN A 193 8.37 15.21 26.95
CA ASN A 193 7.00 15.35 27.45
C ASN A 193 5.90 15.58 26.39
N GLU A 194 5.25 14.47 25.97
CA GLU A 194 4.14 14.52 25.01
C GLU A 194 3.36 13.21 25.11
N LYS A 195 2.14 13.15 24.54
CA LYS A 195 1.32 11.95 24.58
C LYS A 195 2.02 10.77 23.88
N THR A 196 1.93 9.57 24.48
CA THR A 196 2.45 8.36 23.85
C THR A 196 1.27 7.71 23.13
N PHE A 197 1.55 6.73 22.28
CA PHE A 197 0.51 6.06 21.53
C PHE A 197 0.30 4.68 22.11
N ALA A 198 -0.96 4.25 22.16
CA ALA A 198 -1.38 2.98 22.73
C ALA A 198 -0.79 1.79 21.99
N ASN A 199 -0.98 1.76 20.67
CA ASN A 199 -0.52 0.68 19.79
C ASN A 199 -0.14 1.25 18.41
N PRO A 200 0.56 0.47 17.56
CA PRO A 200 0.96 1.01 16.24
C PRO A 200 -0.16 1.52 15.35
N ARG A 201 -1.37 0.93 15.40
CA ARG A 201 -2.50 1.37 14.56
C ARG A 201 -2.89 2.81 14.83
N ASN A 202 -3.00 3.19 16.13
CA ASN A 202 -3.38 4.54 16.55
C ASN A 202 -2.30 5.57 16.23
N ALA A 203 -1.00 5.19 16.34
CA ALA A 203 0.12 6.10 16.00
C ALA A 203 0.08 6.46 14.51
N ALA A 204 -0.14 5.44 13.66
CA ALA A 204 -0.24 5.67 12.24
C ALA A 204 -1.44 6.58 11.91
N ALA A 205 -2.65 6.29 12.46
CA ALA A 205 -3.84 7.11 12.21
C ALA A 205 -3.61 8.59 12.62
N GLY A 206 -3.02 8.77 13.78
CA GLY A 206 -2.69 10.09 14.32
C GLY A 206 -1.67 10.83 13.50
N SER A 207 -0.69 10.10 12.92
CA SER A 207 0.34 10.70 12.06
C SER A 207 -0.26 11.14 10.72
N LEU A 208 -1.17 10.33 10.15
CA LEU A 208 -1.86 10.65 8.90
C LEU A 208 -2.80 11.86 9.01
N ARG A 209 -3.38 12.10 10.19
CA ARG A 209 -4.30 13.22 10.38
C ARG A 209 -3.56 14.55 10.66
N GLN A 210 -2.21 14.56 10.68
CA GLN A 210 -1.43 15.77 10.87
C GLN A 210 -1.56 16.67 9.64
N LEU A 211 -1.74 17.98 9.86
CA LEU A 211 -1.84 18.94 8.76
C LEU A 211 -0.46 19.55 8.42
N ASP A 212 0.60 19.23 9.21
CA ASP A 212 1.96 19.71 8.91
C ASP A 212 2.79 18.48 8.49
N PRO A 213 3.06 18.33 7.17
CA PRO A 213 3.89 17.20 6.70
C PRO A 213 5.21 16.96 7.43
N ASN A 214 5.81 18.02 8.01
CA ASN A 214 7.06 17.92 8.77
C ASN A 214 6.94 17.00 9.99
N ILE A 215 5.73 16.92 10.58
CA ILE A 215 5.49 16.02 11.71
C ILE A 215 5.42 14.59 11.14
N THR A 216 4.61 14.39 10.08
CA THR A 216 4.50 13.11 9.39
C THR A 216 5.84 12.53 8.97
N SER A 217 6.73 13.39 8.43
CA SER A 217 8.08 13.03 8.00
C SER A 217 8.83 12.36 9.12
N LYS A 218 8.71 12.91 10.34
CA LYS A 218 9.36 12.38 11.54
C LYS A 218 8.73 11.07 12.02
N ARG A 219 7.45 10.81 11.67
CA ARG A 219 6.76 9.59 12.06
C ARG A 219 7.19 8.44 11.14
N PRO A 220 7.60 7.28 11.70
CA PRO A 220 8.14 6.19 10.86
C PRO A 220 7.07 5.29 10.22
N LEU A 221 6.29 5.86 9.30
CA LEU A 221 5.20 5.19 8.57
C LEU A 221 5.71 4.39 7.36
N VAL A 222 4.86 3.42 6.90
CA VAL A 222 5.17 2.48 5.81
C VAL A 222 3.87 2.10 5.06
N LEU A 223 3.94 1.94 3.70
CA LEU A 223 2.87 1.48 2.82
C LEU A 223 3.07 0.04 2.34
N ASN A 224 1.96 -0.70 2.20
CA ASN A 224 1.93 -2.03 1.62
C ASN A 224 0.67 -2.04 0.75
N ALA A 225 0.85 -2.17 -0.61
CA ALA A 225 -0.22 -2.12 -1.59
C ALA A 225 -0.92 -3.49 -1.72
N TYR A 226 -2.25 -3.50 -1.59
CA TYR A 226 -3.08 -4.71 -1.61
C TYR A 226 -3.90 -4.90 -2.89
N GLY A 227 -4.24 -3.81 -3.58
CA GLY A 227 -5.02 -3.87 -4.81
C GLY A 227 -4.81 -2.70 -5.76
N ILE A 228 -5.67 -2.61 -6.80
CA ILE A 228 -5.64 -1.56 -7.83
C ILE A 228 -7.06 -1.01 -8.08
N GLY A 229 -7.16 0.30 -8.29
CA GLY A 229 -8.41 0.99 -8.61
C GLY A 229 -8.46 1.30 -10.09
N ILE A 230 -8.30 2.60 -10.44
CA ILE A 230 -8.24 3.08 -11.83
C ILE A 230 -7.03 2.43 -12.51
N ALA A 231 -7.20 1.97 -13.77
CA ALA A 231 -6.16 1.31 -14.56
C ALA A 231 -6.34 1.63 -16.04
N GLU A 232 -5.89 2.82 -16.45
CA GLU A 232 -5.95 3.30 -17.83
C GLU A 232 -4.57 3.19 -18.47
N GLY A 233 -4.55 2.72 -19.73
CA GLY A 233 -3.34 2.59 -20.51
C GLY A 233 -2.53 1.35 -20.20
N VAL A 234 -3.18 0.31 -19.68
CA VAL A 234 -2.47 -0.92 -19.35
C VAL A 234 -3.42 -2.10 -19.33
N ASP A 235 -2.85 -3.28 -19.62
CA ASP A 235 -3.54 -4.56 -19.64
C ASP A 235 -3.01 -5.30 -18.43
N LEU A 236 -3.73 -5.20 -17.31
CA LEU A 236 -3.38 -5.79 -16.02
C LEU A 236 -3.49 -7.30 -16.11
N PRO A 237 -2.60 -8.09 -15.46
CA PRO A 237 -2.73 -9.56 -15.55
C PRO A 237 -4.09 -10.12 -15.16
N THR A 238 -4.33 -11.38 -15.52
CA THR A 238 -5.62 -12.05 -15.28
C THR A 238 -5.66 -12.80 -13.92
N THR A 239 -4.67 -12.55 -13.02
CA THR A 239 -4.66 -13.10 -11.66
C THR A 239 -4.29 -11.96 -10.69
N HIS A 240 -4.71 -12.09 -9.42
CA HIS A 240 -4.44 -11.06 -8.42
C HIS A 240 -2.93 -11.03 -8.07
N TYR A 241 -2.34 -12.21 -7.84
CA TYR A 241 -0.91 -12.34 -7.53
C TYR A 241 -0.03 -11.69 -8.55
N ALA A 242 -0.32 -11.91 -9.85
CA ALA A 242 0.47 -11.37 -10.91
C ALA A 242 0.30 -9.85 -10.97
N ARG A 243 -0.91 -9.31 -10.69
CA ARG A 243 -1.08 -7.85 -10.61
C ARG A 243 -0.22 -7.33 -9.46
N LEU A 244 -0.14 -8.08 -8.33
CA LEU A 244 0.70 -7.68 -7.20
C LEU A 244 2.18 -7.73 -7.62
N GLN A 245 2.62 -8.85 -8.24
CA GLN A 245 3.98 -8.99 -8.79
C GLN A 245 4.32 -7.83 -9.73
N TRP A 246 3.32 -7.37 -10.50
CA TRP A 246 3.49 -6.28 -11.46
C TRP A 246 3.72 -4.93 -10.75
N LEU A 247 3.03 -4.70 -9.64
CA LEU A 247 3.20 -3.47 -8.86
C LEU A 247 4.63 -3.45 -8.29
N LYS A 248 5.09 -4.61 -7.79
CA LYS A 248 6.44 -4.78 -7.25
C LYS A 248 7.50 -4.40 -8.29
N SER A 249 7.33 -4.84 -9.54
CA SER A 249 8.28 -4.53 -10.62
C SER A 249 8.27 -3.05 -11.13
N ILE A 250 7.16 -2.28 -10.94
CA ILE A 250 7.11 -0.86 -11.34
C ILE A 250 7.38 0.13 -10.17
N GLY A 251 7.86 -0.36 -9.01
CA GLY A 251 8.26 0.49 -7.88
C GLY A 251 7.38 0.65 -6.65
N ILE A 252 6.33 -0.17 -6.49
CA ILE A 252 5.38 -0.04 -5.37
C ILE A 252 5.69 -1.14 -4.28
N PRO A 253 5.59 -0.81 -2.96
CA PRO A 253 5.86 -1.84 -1.94
C PRO A 253 4.67 -2.79 -1.75
N VAL A 254 4.99 -4.09 -1.71
CA VAL A 254 4.03 -5.19 -1.61
C VAL A 254 4.59 -6.10 -0.53
N ASN A 255 3.72 -6.83 0.19
CA ASN A 255 4.18 -7.66 1.32
C ASN A 255 4.91 -8.92 0.86
N PRO A 256 6.13 -9.20 1.33
CA PRO A 256 6.83 -10.41 0.89
C PRO A 256 6.24 -11.75 1.34
N GLU A 257 5.41 -11.75 2.38
CA GLU A 257 4.80 -12.99 2.91
C GLU A 257 3.60 -13.50 2.09
N ILE A 258 3.30 -12.91 0.91
CA ILE A 258 2.15 -13.32 0.11
C ILE A 258 2.45 -14.61 -0.64
N ARG A 259 1.51 -15.57 -0.61
CA ARG A 259 1.68 -16.87 -1.26
C ARG A 259 0.38 -17.31 -1.93
N LEU A 260 0.51 -18.29 -2.85
CA LEU A 260 -0.62 -18.91 -3.57
C LEU A 260 -0.87 -20.26 -2.89
N CYS A 261 -2.15 -20.56 -2.60
CA CYS A 261 -2.54 -21.81 -1.95
C CYS A 261 -3.67 -22.42 -2.76
N ASN A 262 -3.56 -23.71 -3.08
CA ASN A 262 -4.53 -24.45 -3.87
C ASN A 262 -5.52 -25.20 -2.99
N GLY A 263 -6.70 -24.61 -2.81
CA GLY A 263 -7.77 -25.21 -2.02
C GLY A 263 -7.69 -24.88 -0.55
N ALA A 264 -8.82 -25.05 0.15
CA ALA A 264 -8.93 -24.76 1.59
C ALA A 264 -7.89 -25.47 2.47
N ASP A 265 -7.56 -26.75 2.21
CA ASP A 265 -6.56 -27.50 3.00
C ASP A 265 -5.19 -26.82 3.05
N GLU A 266 -4.71 -26.32 1.91
CA GLU A 266 -3.44 -25.59 1.83
C GLU A 266 -3.56 -24.19 2.48
N VAL A 267 -4.70 -23.48 2.24
CA VAL A 267 -4.98 -22.14 2.77
C VAL A 267 -4.93 -22.13 4.30
N LEU A 268 -5.41 -23.22 4.91
CA LEU A 268 -5.43 -23.37 6.36
C LEU A 268 -4.01 -23.56 6.89
N GLY A 269 -3.16 -24.20 6.09
CA GLY A 269 -1.73 -24.34 6.37
C GLY A 269 -1.04 -23.00 6.42
N PHE A 270 -1.37 -22.10 5.45
CA PHE A 270 -0.86 -20.73 5.41
C PHE A 270 -1.31 -19.94 6.63
N TYR A 271 -2.64 -19.94 6.90
CA TYR A 271 -3.22 -19.26 8.07
C TYR A 271 -2.48 -19.68 9.34
N ARG A 272 -2.13 -20.98 9.46
CA ARG A 272 -1.40 -21.52 10.62
C ARG A 272 0.06 -21.10 10.63
N ASP A 273 0.72 -21.13 9.46
CA ASP A 273 2.11 -20.72 9.34
C ASP A 273 2.26 -19.25 9.74
N ILE A 274 1.33 -18.36 9.31
CA ILE A 274 1.38 -16.93 9.67
C ILE A 274 1.02 -16.72 11.16
N GLN A 275 0.13 -17.57 11.72
CA GLN A 275 -0.26 -17.49 13.12
C GLN A 275 0.94 -17.75 14.06
N ASN A 276 1.89 -18.61 13.63
CA ASN A 276 3.10 -18.90 14.42
C ASN A 276 4.17 -17.82 14.19
N LYS A 277 4.26 -17.28 12.96
CA LYS A 277 5.18 -16.19 12.62
C LYS A 277 4.81 -14.85 13.31
N ARG A 278 3.53 -14.67 13.77
CA ARG A 278 3.08 -13.44 14.48
C ARG A 278 4.12 -12.90 15.46
N SER A 279 4.80 -13.83 16.17
CA SER A 279 5.81 -13.55 17.17
C SER A 279 7.15 -12.98 16.64
N SER A 280 7.39 -12.95 15.32
CA SER A 280 8.68 -12.49 14.78
C SER A 280 8.56 -11.64 13.50
N LEU A 281 7.43 -10.95 13.27
CA LEU A 281 7.22 -10.19 12.03
C LEU A 281 7.80 -8.77 12.04
N GLY A 282 7.68 -8.05 13.15
CA GLY A 282 8.15 -6.67 13.24
C GLY A 282 7.08 -5.65 12.93
N TYR A 283 5.80 -6.10 12.84
CA TYR A 283 4.60 -5.28 12.63
C TYR A 283 3.36 -6.13 13.03
N ASP A 284 2.26 -5.45 13.37
CA ASP A 284 1.02 -6.10 13.81
C ASP A 284 0.24 -6.73 12.68
N ILE A 285 -0.43 -7.87 12.95
CA ILE A 285 -1.32 -8.53 11.98
C ILE A 285 -2.56 -9.13 12.68
N ASP A 286 -3.78 -8.68 12.27
CA ASP A 286 -5.07 -9.14 12.82
C ASP A 286 -5.41 -10.56 12.38
N GLY A 287 -4.84 -11.00 11.26
CA GLY A 287 -5.16 -12.30 10.67
C GLY A 287 -4.55 -12.51 9.31
N THR A 288 -5.36 -13.02 8.37
CA THR A 288 -4.97 -13.27 6.97
C THR A 288 -6.11 -12.87 6.05
N VAL A 289 -5.81 -12.20 4.92
CA VAL A 289 -6.81 -11.87 3.91
C VAL A 289 -6.65 -12.91 2.83
N LEU A 290 -7.71 -13.65 2.52
CA LEU A 290 -7.68 -14.73 1.51
C LEU A 290 -8.56 -14.29 0.35
N LYS A 291 -8.10 -14.50 -0.91
CA LYS A 291 -8.81 -14.05 -2.11
C LYS A 291 -8.77 -15.10 -3.20
N ILE A 292 -9.82 -15.13 -4.06
CA ILE A 292 -9.90 -16.00 -5.23
C ILE A 292 -8.90 -15.36 -6.19
N ASN A 293 -7.86 -16.09 -6.57
CA ASN A 293 -6.76 -15.53 -7.39
C ASN A 293 -7.18 -15.17 -8.83
N ASP A 294 -7.99 -16.03 -9.51
CA ASP A 294 -8.46 -15.77 -10.89
C ASP A 294 -9.42 -14.57 -10.98
N ILE A 295 -9.07 -13.52 -11.75
CA ILE A 295 -9.89 -12.30 -11.83
C ILE A 295 -11.23 -12.56 -12.53
N ALA A 296 -11.30 -13.52 -13.46
CA ALA A 296 -12.57 -13.84 -14.13
C ALA A 296 -13.58 -14.33 -13.09
N LEU A 297 -13.15 -15.29 -12.23
CA LEU A 297 -13.95 -15.84 -11.14
C LEU A 297 -14.34 -14.76 -10.14
N GLN A 298 -13.51 -13.73 -9.95
CA GLN A 298 -13.84 -12.61 -9.07
C GLN A 298 -15.00 -11.79 -9.65
N ASN A 299 -14.97 -11.54 -10.97
CA ASN A 299 -16.01 -10.75 -11.64
C ASN A 299 -17.31 -11.58 -11.81
N GLU A 300 -17.19 -12.92 -11.78
CA GLU A 300 -18.32 -13.84 -11.85
C GLU A 300 -19.08 -13.79 -10.53
N LEU A 301 -18.34 -13.91 -9.41
CA LEU A 301 -18.91 -13.93 -8.05
C LEU A 301 -19.47 -12.57 -7.65
N GLY A 302 -18.66 -11.53 -7.79
CA GLY A 302 -19.09 -10.16 -7.53
C GLY A 302 -19.09 -9.74 -6.08
N PHE A 303 -19.81 -8.63 -5.81
CA PHE A 303 -19.95 -8.04 -4.48
C PHE A 303 -21.35 -8.26 -3.89
N ILE A 304 -21.51 -7.82 -2.64
CA ILE A 304 -22.75 -7.84 -1.87
C ILE A 304 -22.81 -6.51 -1.07
N SER A 305 -23.88 -5.70 -1.27
CA SER A 305 -24.10 -4.40 -0.61
C SER A 305 -24.39 -4.54 0.88
N LYS A 306 -24.43 -3.42 1.63
CA LYS A 306 -24.75 -3.40 3.07
C LYS A 306 -25.98 -4.28 3.27
N ALA A 307 -25.83 -5.44 3.94
CA ALA A 307 -26.90 -6.42 4.05
C ALA A 307 -26.75 -7.36 5.24
N PRO A 308 -27.88 -7.86 5.77
CA PRO A 308 -27.82 -8.75 6.92
C PRO A 308 -27.19 -10.12 6.69
N ARG A 309 -26.64 -10.71 7.76
CA ARG A 309 -26.05 -12.08 7.74
C ARG A 309 -27.09 -13.08 8.22
N TRP A 310 -28.22 -12.56 8.66
CA TRP A 310 -29.30 -13.31 9.26
C TRP A 310 -30.46 -13.46 8.29
N ALA A 311 -30.33 -12.95 7.05
CA ALA A 311 -31.39 -13.05 6.04
C ALA A 311 -30.83 -13.44 4.66
N ILE A 312 -31.66 -14.15 3.85
CA ILE A 312 -31.29 -14.57 2.48
C ILE A 312 -32.53 -14.67 1.58
N ALA A 313 -32.39 -14.23 0.32
CA ALA A 313 -33.42 -14.31 -0.71
C ALA A 313 -33.10 -15.49 -1.60
N TYR A 314 -33.58 -16.69 -1.24
CA TYR A 314 -33.31 -17.87 -2.03
C TYR A 314 -34.25 -17.83 -3.24
N LYS A 315 -33.70 -17.31 -4.36
CA LYS A 315 -34.38 -17.12 -5.63
C LYS A 315 -34.67 -18.43 -6.37
N PHE A 316 -35.64 -18.35 -7.30
CA PHE A 316 -36.07 -19.48 -8.12
C PHE A 316 -35.34 -19.49 -9.48
N PRO A 317 -35.21 -20.68 -10.12
CA PRO A 317 -34.62 -20.71 -11.47
C PRO A 317 -35.66 -20.31 -12.54
N ALA A 318 -35.23 -20.20 -13.81
CA ALA A 318 -36.12 -19.83 -14.91
C ALA A 318 -37.01 -20.99 -15.32
C1 IWH B . 21.59 8.38 7.00
N1 IWH B . 17.99 4.40 3.18
O1 IWH B . 15.97 5.48 3.04
C2 IWH B . 20.57 7.45 6.40
N2 IWH B . 21.12 2.25 1.53
O2 IWH B . 20.40 2.68 -0.53
C3 IWH B . 20.36 7.40 5.03
C4 IWH B . 19.50 6.48 4.47
C5 IWH B . 18.82 5.56 5.26
C6 IWH B . 19.00 5.60 6.66
C7 IWH B . 19.85 6.56 7.20
C8 IWH B . 18.37 4.58 7.58
C9 IWH B . 17.94 4.49 4.65
C10 IWH B . 19.05 3.75 2.56
C11 IWH B . 19.10 3.58 1.21
C12 IWH B . 18.02 4.13 0.43
C13 IWH B . 16.99 4.77 1.02
C14 IWH B . 16.92 4.94 2.45
C15 IWH B . 20.25 2.80 0.68
O1 I6G C . -6.25 -7.32 0.72
C4 I6G C . -6.90 -6.39 1.47
C3 I6G C . -6.35 -5.92 2.65
C2 I6G C . -6.99 -4.97 3.41
C5 I6G C . -8.12 -5.84 1.00
C10 I6G C . -8.79 -4.89 1.78
C1 I6G C . -8.23 -4.47 3.02
O I6G C . -8.90 -3.47 3.66
C I6G C . -8.16 -2.56 4.46
N1 I6G C . -9.99 -4.39 1.38
C8 I6G C . -10.52 -4.85 0.26
C9 I6G C . -11.84 -4.28 -0.16
C6 I6G C . -9.84 -5.85 -0.53
N I6G C . -8.67 -6.34 -0.14
C7 I6G C . -10.41 -6.39 -1.80
#